data_6MNV
#
_entry.id   6MNV
#
_cell.length_a   43.650
_cell.length_b   54.460
_cell.length_c   171.160
_cell.angle_alpha   90.000
_cell.angle_beta   90.000
_cell.angle_gamma   90.000
#
_symmetry.space_group_name_H-M   'P 21 21 21'
#
loop_
_entity.id
_entity.type
_entity.pdbx_description
1 polymer Phosphomannomutase/phosphoglucomutase
2 non-polymer 1-deoxy-1-fluoro-2-O-phosphono-alpha-D-gluco-hept-2-ulopyranose
3 non-polymer 'MAGNESIUM ION'
4 non-polymer 'TRIETHYLENE GLYCOL'
5 water water
#
_entity_poly.entity_id   1
_entity_poly.type   'polypeptide(L)'
_entity_poly.pdbx_seq_one_letter_code
;MGSSHHHHHHSSGLVPRGSHMTLPAFKAYDIRGRVPDELNEDLARRIGVALAAQLDQGPVVLGHDVRLASPALQEALSAG
LRASGRDVIDIGLCGTEEVYFQTDYLKAAGGVMVTASHNPMDYNGMKLVREQARPISSDTGLFAIRDTVAADTAAPGEPT
ASEQSRTDKTAYLEHLLSYVDRSTLKPLKLVVNAGNGGAGLIVDLLAPHLPFEFVRVFHEPDGNFPNGIPNPLLPENRDA
TAKAVKDNGADFGIAWDGDFDRCFFFDHTGRFIEGYYLVGLLAQAILAKQPGGKVVHDPRLTWNTVEQVEEAGGIPVLCK
SGHAFIKEKMRSENAVYGGEMSAHHYFREFAYADSGMIPWLLIAELVSQSGRSLADLVEARMQKFPCSGEINFKVADAKA
SVARVMEHYASLSPELDYTDGISADFGQWRFNLRSSNTEPLLRLNVETRGDAALLETRTQEISNLLRG
;
_entity_poly.pdbx_strand_id   A
#
loop_
_chem_comp.id
_chem_comp.type
_chem_comp.name
_chem_comp.formula
JVS D-saccharide 1-deoxy-1-fluoro-2-O-phosphono-alpha-D-gluco-hept-2-ulopyranose 'C7 H14 F O9 P'
MG non-polymer 'MAGNESIUM ION' 'Mg 2'
PGE non-polymer 'TRIETHYLENE GLYCOL' 'C6 H14 O4'
#
# COMPACT_ATOMS: atom_id res chain seq x y z
N MET A 21 -4.00 1.21 -30.85
CA MET A 21 -4.22 0.82 -29.46
C MET A 21 -2.91 0.41 -28.80
N THR A 22 -2.96 0.31 -27.48
CA THR A 22 -1.88 -0.28 -26.70
C THR A 22 -2.50 -1.30 -25.75
N LEU A 23 -1.66 -2.17 -25.22
CA LEU A 23 -2.12 -3.20 -24.29
C LEU A 23 -2.73 -2.55 -23.06
N PRO A 24 -4.02 -2.77 -22.78
CA PRO A 24 -4.66 -2.06 -21.66
C PRO A 24 -4.12 -2.47 -20.30
N ALA A 25 -3.56 -3.68 -20.17
CA ALA A 25 -3.13 -4.13 -18.85
C ALA A 25 -1.95 -3.33 -18.31
N PHE A 26 -1.21 -2.61 -19.14
CA PHE A 26 -0.04 -1.86 -18.67
C PHE A 26 -0.51 -0.50 -18.17
N LYS A 27 -0.51 -0.34 -16.84
CA LYS A 27 -0.97 0.87 -16.18
C LYS A 27 0.23 1.72 -15.77
N ALA A 28 -0.05 2.80 -15.01
CA ALA A 28 0.99 3.72 -14.59
C ALA A 28 2.01 3.03 -13.69
N TYR A 29 1.55 2.22 -12.73
CA TYR A 29 2.42 1.65 -11.70
C TYR A 29 2.65 0.16 -11.81
N ASP A 30 1.82 -0.55 -12.58
CA ASP A 30 1.89 -2.01 -12.59
C ASP A 30 1.13 -2.52 -13.80
N ILE A 31 1.02 -3.84 -13.87
CA ILE A 31 0.30 -4.54 -14.90
C ILE A 31 -0.92 -5.16 -14.24
N ARG A 32 -2.08 -5.03 -14.88
N ARG A 32 -2.09 -4.97 -14.84
CA ARG A 32 -3.31 -5.51 -14.27
CA ARG A 32 -3.32 -5.50 -14.27
C ARG A 32 -4.38 -5.59 -15.34
C ARG A 32 -4.36 -5.60 -15.37
N GLY A 33 -5.00 -6.76 -15.48
CA GLY A 33 -6.05 -6.93 -16.47
C GLY A 33 -6.80 -8.22 -16.27
N ARG A 34 -7.88 -8.36 -17.04
CA ARG A 34 -8.68 -9.57 -16.97
C ARG A 34 -7.95 -10.72 -17.68
N VAL A 35 -7.98 -11.89 -17.06
CA VAL A 35 -7.46 -13.11 -17.65
C VAL A 35 -8.62 -13.78 -18.37
N PRO A 36 -8.44 -14.23 -19.64
CA PRO A 36 -7.18 -14.27 -20.39
C PRO A 36 -7.01 -13.25 -21.52
N ASP A 37 -7.94 -12.33 -21.70
CA ASP A 37 -7.89 -11.47 -22.87
C ASP A 37 -6.92 -10.31 -22.70
N GLU A 38 -6.78 -9.76 -21.49
CA GLU A 38 -5.85 -8.67 -21.25
C GLU A 38 -4.52 -9.14 -20.69
N LEU A 39 -4.48 -10.32 -20.10
CA LEU A 39 -3.25 -10.87 -19.56
C LEU A 39 -3.39 -12.38 -19.57
N ASN A 40 -2.32 -13.07 -20.00
CA ASN A 40 -2.34 -14.51 -20.13
C ASN A 40 -0.89 -15.00 -20.09
N GLU A 41 -0.71 -16.31 -20.25
CA GLU A 41 0.61 -16.89 -20.11
C GLU A 41 1.55 -16.46 -21.25
N ASP A 42 1.01 -16.25 -22.44
CA ASP A 42 1.87 -15.81 -23.52
C ASP A 42 2.42 -14.42 -23.27
N LEU A 43 1.53 -13.48 -22.90
CA LEU A 43 1.95 -12.14 -22.49
C LEU A 43 2.93 -12.20 -21.32
N ALA A 44 2.64 -13.02 -20.32
CA ALA A 44 3.52 -13.14 -19.16
C ALA A 44 4.91 -13.60 -19.58
N ARG A 45 4.98 -14.59 -20.47
CA ARG A 45 6.28 -15.03 -20.97
C ARG A 45 6.98 -13.91 -21.74
N ARG A 46 6.24 -13.18 -22.59
CA ARG A 46 6.87 -12.09 -23.31
C ARG A 46 7.34 -10.98 -22.35
N ILE A 47 6.59 -10.74 -21.27
CA ILE A 47 7.02 -9.76 -20.27
C ILE A 47 8.33 -10.20 -19.61
N GLY A 48 8.49 -11.51 -19.38
CA GLY A 48 9.75 -11.99 -18.83
C GLY A 48 10.92 -11.72 -19.74
N VAL A 49 10.74 -11.98 -21.04
CA VAL A 49 11.80 -11.69 -22.01
C VAL A 49 12.12 -10.19 -22.01
N ALA A 50 11.09 -9.35 -22.07
CA ALA A 50 11.31 -7.91 -22.14
C ALA A 50 11.94 -7.40 -20.85
N LEU A 51 11.55 -7.96 -19.71
CA LEU A 51 12.11 -7.52 -18.44
C LEU A 51 13.61 -7.83 -18.37
N ALA A 52 14.01 -9.01 -18.84
CA ALA A 52 15.43 -9.38 -18.80
C ALA A 52 16.30 -8.39 -19.55
N ALA A 53 15.77 -7.74 -20.58
CA ALA A 53 16.51 -6.73 -21.33
C ALA A 53 16.56 -5.39 -20.62
N GLN A 54 15.72 -5.18 -19.61
CA GLN A 54 15.68 -3.89 -18.91
C GLN A 54 16.52 -3.85 -17.65
N LEU A 55 16.89 -5.01 -17.08
CA LEU A 55 17.54 -5.03 -15.78
C LEU A 55 19.06 -5.07 -15.93
N ASP A 56 19.74 -4.61 -14.87
CA ASP A 56 21.16 -4.86 -14.68
C ASP A 56 21.40 -6.35 -14.48
N GLN A 57 22.66 -6.74 -14.33
CA GLN A 57 23.01 -8.14 -14.17
C GLN A 57 22.49 -8.71 -12.85
N GLY A 58 22.11 -9.98 -12.87
CA GLY A 58 21.67 -10.66 -11.68
C GLY A 58 20.43 -11.50 -11.88
N PRO A 59 20.07 -12.26 -10.85
CA PRO A 59 18.89 -13.12 -10.93
C PRO A 59 17.63 -12.30 -10.65
N VAL A 60 16.48 -12.94 -10.89
CA VAL A 60 15.18 -12.27 -10.74
C VAL A 60 14.31 -13.07 -9.80
N VAL A 61 13.79 -12.39 -8.76
CA VAL A 61 12.94 -12.98 -7.74
C VAL A 61 11.51 -13.01 -8.27
N LEU A 62 10.83 -14.15 -8.13
CA LEU A 62 9.43 -14.29 -8.54
C LEU A 62 8.61 -14.82 -7.37
N GLY A 63 7.43 -14.22 -7.18
CA GLY A 63 6.50 -14.66 -6.17
C GLY A 63 5.09 -14.43 -6.69
N HIS A 64 4.10 -14.99 -5.98
CA HIS A 64 2.73 -14.90 -6.49
C HIS A 64 1.76 -14.95 -5.33
N ASP A 65 0.52 -14.52 -5.59
CA ASP A 65 -0.50 -14.46 -4.57
C ASP A 65 -1.43 -15.68 -4.69
N VAL A 66 -2.58 -15.63 -4.01
CA VAL A 66 -3.46 -16.80 -3.91
C VAL A 66 -4.38 -16.99 -5.10
N ARG A 67 -4.37 -16.08 -6.08
CA ARG A 67 -5.33 -16.19 -7.17
C ARG A 67 -5.06 -17.44 -8.00
N LEU A 68 -6.11 -17.99 -8.58
CA LEU A 68 -6.01 -19.34 -9.15
C LEU A 68 -5.05 -19.37 -10.33
N ALA A 69 -4.99 -18.29 -11.12
CA ALA A 69 -4.10 -18.26 -12.27
C ALA A 69 -2.68 -17.82 -11.92
N SER A 70 -2.43 -17.36 -10.68
CA SER A 70 -1.11 -16.79 -10.39
C SER A 70 0.04 -17.76 -10.58
N PRO A 71 -0.03 -19.03 -10.16
CA PRO A 71 1.12 -19.93 -10.41
C PRO A 71 1.46 -20.09 -11.87
N ALA A 72 0.45 -20.21 -12.75
CA ALA A 72 0.74 -20.39 -14.17
C ALA A 72 1.33 -19.13 -14.78
N LEU A 73 0.85 -17.96 -14.35
CA LEU A 73 1.44 -16.73 -14.86
C LEU A 73 2.88 -16.59 -14.38
N GLN A 74 3.16 -16.99 -13.15
CA GLN A 74 4.55 -16.95 -12.70
C GLN A 74 5.40 -17.93 -13.48
N GLU A 75 4.86 -19.12 -13.80
CA GLU A 75 5.68 -20.09 -14.52
C GLU A 75 6.03 -19.60 -15.92
N ALA A 76 5.10 -18.90 -16.57
CA ALA A 76 5.38 -18.38 -17.92
C ALA A 76 6.38 -17.24 -17.85
N LEU A 77 6.21 -16.35 -16.89
CA LEU A 77 7.18 -15.31 -16.63
C LEU A 77 8.58 -15.89 -16.42
N SER A 78 8.67 -16.94 -15.62
CA SER A 78 9.97 -17.57 -15.40
C SER A 78 10.51 -18.17 -16.68
N ALA A 79 9.65 -18.78 -17.50
CA ALA A 79 10.13 -19.38 -18.74
C ALA A 79 10.73 -18.32 -19.66
N GLY A 80 10.10 -17.15 -19.74
CA GLY A 80 10.65 -16.09 -20.56
C GLY A 80 11.95 -15.55 -20.01
N LEU A 81 12.00 -15.33 -18.69
CA LEU A 81 13.24 -14.86 -18.06
C LEU A 81 14.38 -15.83 -18.33
N ARG A 82 14.15 -17.11 -18.11
CA ARG A 82 15.23 -18.09 -18.27
C ARG A 82 15.58 -18.32 -19.73
N ALA A 83 14.63 -18.10 -20.64
CA ALA A 83 14.99 -18.14 -22.06
C ALA A 83 15.94 -17.00 -22.42
N SER A 84 15.96 -15.94 -21.61
CA SER A 84 16.81 -14.79 -21.84
C SER A 84 18.04 -14.77 -20.92
N GLY A 85 18.40 -15.91 -20.36
CA GLY A 85 19.62 -16.01 -19.58
C GLY A 85 19.55 -15.52 -18.16
N ARG A 86 18.36 -15.40 -17.58
CA ARG A 86 18.21 -14.94 -16.21
C ARG A 86 17.93 -16.11 -15.28
N ASP A 87 18.75 -16.27 -14.26
CA ASP A 87 18.39 -17.17 -13.17
C ASP A 87 17.17 -16.63 -12.44
N VAL A 88 16.31 -17.53 -11.98
CA VAL A 88 15.06 -17.18 -11.33
C VAL A 88 15.11 -17.72 -9.92
N ILE A 89 14.78 -16.87 -8.95
CA ILE A 89 14.65 -17.28 -7.56
C ILE A 89 13.15 -17.29 -7.25
N ASP A 90 12.58 -18.49 -7.14
CA ASP A 90 11.14 -18.66 -6.92
C ASP A 90 10.88 -18.68 -5.42
N ILE A 91 10.31 -17.58 -4.89
CA ILE A 91 10.02 -17.55 -3.46
C ILE A 91 8.61 -18.03 -3.15
N GLY A 92 7.84 -18.43 -4.16
CA GLY A 92 6.59 -19.13 -3.92
C GLY A 92 5.42 -18.21 -3.64
N LEU A 93 4.42 -18.80 -2.97
CA LEU A 93 3.27 -18.06 -2.49
C LEU A 93 3.70 -17.09 -1.39
N CYS A 94 3.41 -15.81 -1.57
CA CYS A 94 3.96 -14.79 -0.69
C CYS A 94 3.11 -13.53 -0.80
N GLY A 95 3.47 -12.52 0.01
CA GLY A 95 2.90 -11.20 -0.20
C GLY A 95 3.80 -10.36 -1.07
N THR A 96 3.21 -9.30 -1.61
CA THR A 96 3.98 -8.37 -2.45
C THR A 96 5.22 -7.87 -1.74
N GLU A 97 5.11 -7.58 -0.43
CA GLU A 97 6.27 -7.05 0.28
C GLU A 97 7.40 -8.05 0.40
N GLU A 98 7.11 -9.36 0.26
CA GLU A 98 8.18 -10.35 0.30
C GLU A 98 8.98 -10.38 -0.99
N VAL A 99 8.33 -10.12 -2.13
CA VAL A 99 9.09 -9.89 -3.35
C VAL A 99 9.99 -8.68 -3.20
N TYR A 100 9.46 -7.58 -2.63
CA TYR A 100 10.32 -6.42 -2.39
C TYR A 100 11.48 -6.79 -1.49
N PHE A 101 11.18 -7.44 -0.36
CA PHE A 101 12.21 -7.69 0.63
C PHE A 101 13.28 -8.62 0.08
N GLN A 102 12.89 -9.72 -0.55
CA GLN A 102 13.87 -10.68 -1.03
C GLN A 102 14.67 -10.14 -2.21
N THR A 103 14.05 -9.32 -3.08
CA THR A 103 14.79 -8.72 -4.18
C THR A 103 15.97 -7.90 -3.65
N ASP A 104 15.71 -7.11 -2.61
CA ASP A 104 16.78 -6.34 -1.99
C ASP A 104 17.72 -7.24 -1.19
N TYR A 105 17.16 -8.13 -0.37
CA TYR A 105 17.97 -8.94 0.52
C TYR A 105 18.94 -9.82 -0.26
N LEU A 106 18.45 -10.47 -1.31
CA LEU A 106 19.28 -11.39 -2.09
C LEU A 106 20.10 -10.67 -3.15
N LYS A 107 20.11 -9.33 -3.14
CA LYS A 107 20.83 -8.51 -4.10
C LYS A 107 20.53 -8.94 -5.53
N ALA A 108 19.25 -9.16 -5.80
CA ALA A 108 18.80 -9.57 -7.11
C ALA A 108 18.78 -8.37 -8.06
N ALA A 109 18.74 -8.66 -9.37
CA ALA A 109 18.62 -7.60 -10.36
C ALA A 109 17.22 -7.03 -10.40
N GLY A 110 16.24 -7.79 -9.96
CA GLY A 110 14.87 -7.32 -9.95
C GLY A 110 13.94 -8.40 -9.42
N GLY A 111 12.65 -8.12 -9.48
CA GLY A 111 11.67 -9.08 -8.99
C GLY A 111 10.33 -8.77 -9.56
N VAL A 112 9.46 -9.78 -9.59
CA VAL A 112 8.08 -9.64 -10.05
C VAL A 112 7.18 -10.36 -9.06
N MET A 113 6.16 -9.66 -8.60
CA MET A 113 5.06 -10.24 -7.84
C MET A 113 3.87 -10.43 -8.77
N VAL A 114 3.42 -11.67 -8.92
CA VAL A 114 2.19 -11.94 -9.66
C VAL A 114 1.03 -11.75 -8.68
N THR A 115 0.22 -10.71 -8.91
CA THR A 115 -0.89 -10.41 -8.02
C THR A 115 -1.86 -9.47 -8.72
N ALA A 116 -3.14 -9.59 -8.35
CA ALA A 116 -4.14 -8.56 -8.63
C ALA A 116 -4.55 -7.81 -7.37
N SER A 117 -3.81 -7.98 -6.28
CA SER A 117 -4.04 -7.27 -5.02
C SER A 117 -5.45 -7.49 -4.50
N HIS A 118 -6.38 -6.64 -4.91
CA HIS A 118 -7.73 -6.60 -4.35
C HIS A 118 -8.82 -6.64 -5.41
N ASN A 119 -8.48 -6.95 -6.64
CA ASN A 119 -9.40 -6.82 -7.76
C ASN A 119 -10.22 -8.10 -7.92
N PRO A 120 -11.27 -8.06 -8.75
CA PRO A 120 -12.15 -9.24 -8.88
C PRO A 120 -11.39 -10.48 -9.32
N MET A 121 -12.09 -11.61 -9.25
CA MET A 121 -11.43 -12.91 -9.32
C MET A 121 -10.96 -13.27 -10.72
N ASP A 122 -11.56 -12.68 -11.75
CA ASP A 122 -11.11 -12.93 -13.11
C ASP A 122 -9.96 -12.00 -13.51
N TYR A 123 -9.33 -11.35 -12.55
CA TYR A 123 -8.24 -10.41 -12.82
C TYR A 123 -6.94 -10.92 -12.23
N ASN A 124 -5.84 -10.52 -12.87
CA ASN A 124 -4.53 -10.74 -12.27
C ASN A 124 -3.62 -9.60 -12.72
N GLY A 125 -2.33 -9.73 -12.48
CA GLY A 125 -1.42 -8.64 -12.75
C GLY A 125 -0.02 -8.92 -12.23
N MET A 126 0.83 -7.90 -12.35
CA MET A 126 2.21 -8.02 -11.93
C MET A 126 2.67 -6.67 -11.39
N LYS A 127 3.51 -6.73 -10.36
CA LYS A 127 4.23 -5.57 -9.86
C LYS A 127 5.71 -5.83 -10.06
N LEU A 128 6.39 -4.90 -10.70
CA LEU A 128 7.75 -5.13 -11.16
C LEU A 128 8.70 -4.17 -10.46
N VAL A 129 9.86 -4.68 -10.01
CA VAL A 129 10.88 -3.86 -9.38
C VAL A 129 12.25 -4.23 -9.93
N ARG A 130 13.19 -3.30 -9.87
CA ARG A 130 14.56 -3.55 -10.28
CA ARG A 130 14.56 -3.56 -10.28
C ARG A 130 15.43 -3.65 -9.03
N GLU A 131 16.71 -3.28 -9.14
CA GLU A 131 17.62 -3.48 -8.01
C GLU A 131 17.16 -2.69 -6.78
N GLN A 132 17.44 -3.24 -5.60
CA GLN A 132 16.98 -2.69 -4.31
C GLN A 132 15.47 -2.50 -4.24
N ALA A 133 14.71 -3.28 -5.02
CA ALA A 133 13.25 -3.19 -5.07
C ALA A 133 12.77 -1.80 -5.50
N ARG A 134 13.59 -1.10 -6.28
CA ARG A 134 13.16 0.15 -6.90
C ARG A 134 12.01 -0.11 -7.88
N PRO A 135 10.94 0.66 -7.82
CA PRO A 135 9.79 0.36 -8.70
C PRO A 135 10.11 0.57 -10.16
N ILE A 136 9.51 -0.27 -10.99
CA ILE A 136 9.50 -0.09 -12.43
C ILE A 136 8.12 0.41 -12.80
N SER A 137 8.02 1.66 -13.25
CA SER A 137 6.75 2.32 -13.51
C SER A 137 6.68 2.72 -14.98
N SER A 138 5.54 3.29 -15.37
CA SER A 138 5.29 3.56 -16.78
C SER A 138 6.43 4.34 -17.43
N ASP A 139 6.93 5.37 -16.75
CA ASP A 139 8.00 6.21 -17.29
C ASP A 139 9.39 5.77 -16.83
N THR A 140 9.51 4.66 -16.12
CA THR A 140 10.81 4.15 -15.67
C THR A 140 11.01 2.71 -16.10
N GLY A 141 10.41 2.32 -17.21
CA GLY A 141 10.69 1.02 -17.78
C GLY A 141 9.48 0.19 -18.14
N LEU A 142 8.34 0.46 -17.50
CA LEU A 142 7.16 -0.39 -17.71
C LEU A 142 6.59 -0.21 -19.11
N PHE A 143 6.53 1.02 -19.61
CA PHE A 143 6.02 1.20 -20.96
C PHE A 143 7.05 0.82 -22.01
N ALA A 144 8.34 0.90 -21.69
CA ALA A 144 9.33 0.30 -22.58
C ALA A 144 9.11 -1.20 -22.71
N ILE A 145 8.81 -1.84 -21.58
CA ILE A 145 8.49 -3.27 -21.59
C ILE A 145 7.23 -3.53 -22.38
N ARG A 146 6.18 -2.74 -22.13
CA ARG A 146 4.94 -2.85 -22.88
C ARG A 146 5.20 -2.83 -24.39
N ASP A 147 5.88 -1.78 -24.86
CA ASP A 147 6.10 -1.62 -26.30
C ASP A 147 6.96 -2.75 -26.86
N THR A 148 7.91 -3.25 -26.08
CA THR A 148 8.67 -4.43 -26.52
C THR A 148 7.76 -5.64 -26.65
N VAL A 149 6.96 -5.91 -25.61
CA VAL A 149 6.04 -7.04 -25.62
C VAL A 149 5.04 -6.89 -26.76
N ALA A 150 4.56 -5.67 -26.99
CA ALA A 150 3.57 -5.44 -28.03
C ALA A 150 4.10 -5.79 -29.41
N ALA A 151 5.39 -5.54 -29.65
CA ALA A 151 5.99 -5.79 -30.96
C ALA A 151 6.65 -7.16 -31.08
N ASP A 152 6.71 -7.93 -30.00
CA ASP A 152 7.45 -9.19 -29.99
C ASP A 152 6.62 -10.31 -30.66
N THR A 153 7.04 -10.72 -31.85
CA THR A 153 6.44 -11.85 -32.55
C THR A 153 7.41 -13.02 -32.66
N ALA A 154 8.49 -12.98 -31.88
CA ALA A 154 9.52 -14.01 -31.96
C ALA A 154 9.02 -15.31 -31.37
N ALA A 155 9.54 -16.41 -31.89
CA ALA A 155 9.24 -17.72 -31.30
C ALA A 155 9.79 -17.77 -29.89
N PRO A 156 9.10 -18.43 -28.96
CA PRO A 156 9.66 -18.59 -27.60
C PRO A 156 10.96 -19.37 -27.65
N GLY A 157 12.01 -18.80 -27.07
CA GLY A 157 13.26 -19.50 -26.95
C GLY A 157 13.19 -20.55 -25.87
N GLU A 158 14.28 -21.28 -25.72
CA GLU A 158 14.32 -22.26 -24.64
C GLU A 158 15.17 -21.74 -23.48
N PRO A 159 14.93 -22.25 -22.27
CA PRO A 159 15.67 -21.75 -21.11
C PRO A 159 17.16 -22.05 -21.20
N THR A 160 17.96 -21.00 -20.98
CA THR A 160 19.40 -21.11 -20.81
C THR A 160 19.81 -20.76 -19.39
N ALA A 161 18.88 -20.83 -18.44
CA ALA A 161 19.15 -20.51 -17.05
C ALA A 161 18.24 -21.36 -16.17
N SER A 162 18.57 -21.40 -14.89
CA SER A 162 17.90 -22.29 -13.96
C SER A 162 16.90 -21.54 -13.10
N GLU A 163 16.02 -22.31 -12.48
CA GLU A 163 15.13 -21.82 -11.44
C GLU A 163 15.50 -22.50 -10.14
N GLN A 164 15.69 -21.72 -9.09
CA GLN A 164 15.90 -22.26 -7.76
C GLN A 164 14.71 -21.87 -6.90
N SER A 165 14.22 -22.84 -6.13
CA SER A 165 13.13 -22.61 -5.18
C SER A 165 13.72 -22.19 -3.84
N ARG A 166 13.36 -20.98 -3.38
CA ARG A 166 13.83 -20.43 -2.10
CA ARG A 166 13.83 -20.44 -2.09
C ARG A 166 12.62 -19.87 -1.35
N THR A 167 11.89 -20.75 -0.67
CA THR A 167 10.68 -20.34 0.03
C THR A 167 10.91 -19.98 1.49
N ASP A 168 12.16 -20.09 1.97
CA ASP A 168 12.46 -19.81 3.37
C ASP A 168 12.17 -18.36 3.71
N LYS A 169 11.29 -18.15 4.69
CA LYS A 169 10.91 -16.82 5.09
C LYS A 169 11.66 -16.31 6.33
N THR A 170 12.67 -17.05 6.78
CA THR A 170 13.30 -16.75 8.07
C THR A 170 13.83 -15.33 8.12
N ALA A 171 14.62 -14.93 7.12
CA ALA A 171 15.19 -13.59 7.14
C ALA A 171 14.10 -12.53 7.12
N TYR A 172 13.04 -12.77 6.36
CA TYR A 172 11.90 -11.84 6.33
C TYR A 172 11.24 -11.75 7.70
N LEU A 173 10.98 -12.90 8.33
CA LEU A 173 10.33 -12.89 9.65
C LEU A 173 11.20 -12.19 10.68
N GLU A 174 12.51 -12.45 10.65
CA GLU A 174 13.40 -11.79 11.61
C GLU A 174 13.40 -10.29 11.38
N HIS A 175 13.38 -9.86 10.11
CA HIS A 175 13.33 -8.43 9.83
C HIS A 175 12.07 -7.78 10.40
N LEU A 176 10.91 -8.41 10.17
CA LEU A 176 9.67 -7.88 10.74
C LEU A 176 9.77 -7.74 12.26
N LEU A 177 10.26 -8.79 12.93
CA LEU A 177 10.32 -8.74 14.38
C LEU A 177 11.33 -7.72 14.89
N SER A 178 12.28 -7.29 14.04
CA SER A 178 13.31 -6.38 14.52
C SER A 178 12.75 -4.99 14.83
N TYR A 179 11.55 -4.68 14.37
CA TYR A 179 10.94 -3.38 14.61
C TYR A 179 10.36 -3.22 16.01
N VAL A 180 10.29 -4.28 16.81
CA VAL A 180 9.67 -4.18 18.12
C VAL A 180 10.55 -4.84 19.17
N ASP A 181 10.43 -4.35 20.40
CA ASP A 181 11.09 -4.93 21.55
C ASP A 181 10.15 -6.00 22.12
N ARG A 182 10.44 -7.27 21.81
CA ARG A 182 9.48 -8.32 22.16
C ARG A 182 9.27 -8.42 23.65
N SER A 183 10.26 -8.01 24.46
CA SER A 183 10.12 -8.04 25.91
C SER A 183 9.21 -6.94 26.44
N THR A 184 8.80 -5.99 25.60
CA THR A 184 7.86 -4.96 26.04
C THR A 184 6.44 -5.25 25.58
N LEU A 185 6.23 -6.29 24.79
CA LEU A 185 4.90 -6.56 24.27
C LEU A 185 4.02 -7.21 25.33
N LYS A 186 2.78 -6.82 25.34
CA LYS A 186 1.78 -7.40 26.22
C LYS A 186 0.92 -8.39 25.46
N PRO A 187 0.26 -9.33 26.14
CA PRO A 187 -0.54 -10.34 25.44
C PRO A 187 -1.88 -9.79 24.95
N LEU A 188 -1.80 -8.78 24.08
CA LEU A 188 -3.00 -8.20 23.49
C LEU A 188 -3.79 -9.25 22.73
N LYS A 189 -5.11 -9.03 22.64
CA LYS A 189 -5.99 -9.84 21.80
C LYS A 189 -6.27 -9.08 20.51
N LEU A 190 -5.86 -9.65 19.38
CA LEU A 190 -5.88 -8.96 18.10
C LEU A 190 -6.70 -9.77 17.12
N VAL A 191 -7.72 -9.15 16.56
CA VAL A 191 -8.43 -9.75 15.43
C VAL A 191 -7.58 -9.58 14.17
N VAL A 192 -7.46 -10.64 13.37
CA VAL A 192 -6.69 -10.57 12.13
C VAL A 192 -7.57 -11.11 11.01
N ASN A 193 -7.67 -10.37 9.91
CA ASN A 193 -8.61 -10.73 8.85
C ASN A 193 -7.87 -10.70 7.52
N ALA A 194 -7.43 -11.87 7.07
CA ALA A 194 -6.68 -11.96 5.83
C ALA A 194 -7.56 -11.83 4.59
N GLY A 195 -8.89 -11.90 4.75
CA GLY A 195 -9.79 -11.88 3.62
C GLY A 195 -9.62 -13.06 2.67
N ASN A 196 -9.07 -14.16 3.17
CA ASN A 196 -8.69 -15.33 2.37
C ASN A 196 -7.59 -15.02 1.36
N GLY A 197 -6.89 -13.91 1.54
CA GLY A 197 -5.63 -13.68 0.86
C GLY A 197 -4.50 -14.39 1.57
N GLY A 198 -3.31 -13.80 1.51
CA GLY A 198 -2.13 -14.50 2.00
C GLY A 198 -1.61 -14.04 3.35
N ALA A 199 -2.25 -13.08 4.00
CA ALA A 199 -1.70 -12.51 5.24
C ALA A 199 -1.66 -13.51 6.37
N GLY A 200 -2.61 -14.44 6.41
CA GLY A 200 -2.70 -15.33 7.55
C GLY A 200 -1.51 -16.26 7.66
N LEU A 201 -0.89 -16.59 6.52
CA LEU A 201 0.31 -17.41 6.53
C LEU A 201 1.44 -16.73 7.31
N ILE A 202 1.61 -15.42 7.12
CA ILE A 202 2.66 -14.71 7.85
C ILE A 202 2.28 -14.53 9.31
N VAL A 203 1.00 -14.24 9.58
CA VAL A 203 0.55 -14.12 10.97
C VAL A 203 0.91 -15.39 11.73
N ASP A 204 0.62 -16.55 11.13
CA ASP A 204 0.83 -17.80 11.83
C ASP A 204 2.32 -18.10 12.02
N LEU A 205 3.17 -17.60 11.13
CA LEU A 205 4.60 -17.81 11.32
C LEU A 205 5.18 -16.85 12.33
N LEU A 206 4.59 -15.66 12.46
CA LEU A 206 5.02 -14.74 13.51
C LEU A 206 4.54 -15.16 14.88
N ALA A 207 3.38 -15.81 14.97
CA ALA A 207 2.71 -16.02 16.25
C ALA A 207 3.55 -16.73 17.29
N PRO A 208 4.32 -17.78 16.99
CA PRO A 208 5.13 -18.42 18.05
C PRO A 208 6.10 -17.47 18.72
N HIS A 209 6.40 -16.34 18.10
CA HIS A 209 7.39 -15.39 18.59
C HIS A 209 6.76 -14.20 19.28
N LEU A 210 5.43 -14.18 19.40
CA LEU A 210 4.71 -13.03 19.94
C LEU A 210 3.79 -13.49 21.04
N PRO A 211 3.47 -12.62 22.00
CA PRO A 211 2.57 -13.02 23.09
C PRO A 211 1.09 -12.84 22.79
N PHE A 212 0.73 -12.30 21.64
CA PHE A 212 -0.65 -11.95 21.34
C PHE A 212 -1.53 -13.18 21.21
N GLU A 213 -2.82 -13.01 21.52
CA GLU A 213 -3.84 -13.99 21.17
C GLU A 213 -4.53 -13.49 19.91
N PHE A 214 -4.50 -14.32 18.87
CA PHE A 214 -5.05 -13.95 17.58
C PHE A 214 -6.46 -14.50 17.45
N VAL A 215 -7.38 -13.67 16.98
CA VAL A 215 -8.71 -14.06 16.61
C VAL A 215 -8.76 -14.01 15.09
N ARG A 216 -8.77 -15.18 14.45
CA ARG A 216 -8.54 -15.29 13.01
C ARG A 216 -9.86 -15.27 12.23
N VAL A 217 -10.03 -14.28 11.35
CA VAL A 217 -11.23 -14.16 10.53
C VAL A 217 -10.80 -14.36 9.06
N PHE A 218 -11.61 -15.12 8.31
CA PHE A 218 -11.38 -15.34 6.86
C PHE A 218 -9.91 -15.66 6.60
N HIS A 219 -9.39 -16.61 7.36
CA HIS A 219 -7.95 -16.77 7.54
C HIS A 219 -7.29 -17.64 6.48
N GLU A 220 -8.00 -18.61 5.95
CA GLU A 220 -7.41 -19.59 5.07
C GLU A 220 -7.23 -19.00 3.68
N PRO A 221 -6.06 -19.16 3.04
CA PRO A 221 -5.90 -18.68 1.66
C PRO A 221 -6.81 -19.46 0.72
N ASP A 222 -7.56 -18.71 -0.10
CA ASP A 222 -8.54 -19.33 -0.99
C ASP A 222 -8.78 -18.35 -2.14
N GLY A 223 -8.17 -18.62 -3.29
CA GLY A 223 -8.37 -17.77 -4.43
C GLY A 223 -9.75 -17.81 -5.03
N ASN A 224 -10.65 -18.67 -4.53
CA ASN A 224 -12.05 -18.55 -4.90
C ASN A 224 -12.74 -17.44 -4.13
N PHE A 225 -12.15 -16.99 -3.04
CA PHE A 225 -12.68 -15.88 -2.27
C PHE A 225 -14.11 -16.15 -1.85
N PRO A 226 -14.37 -17.22 -1.10
CA PRO A 226 -15.74 -17.54 -0.71
C PRO A 226 -16.41 -16.45 0.11
N ASN A 227 -15.64 -15.56 0.74
CA ASN A 227 -16.20 -14.51 1.58
C ASN A 227 -16.13 -13.14 0.94
N GLY A 228 -15.91 -13.07 -0.37
CA GLY A 228 -15.73 -11.80 -1.03
C GLY A 228 -14.27 -11.55 -1.38
N ILE A 229 -14.06 -10.72 -2.39
CA ILE A 229 -12.69 -10.42 -2.81
C ILE A 229 -11.97 -9.66 -1.70
N PRO A 230 -10.66 -9.82 -1.56
CA PRO A 230 -9.93 -9.24 -0.42
C PRO A 230 -9.67 -7.74 -0.55
N ASN A 231 -10.72 -6.96 -0.24
CA ASN A 231 -10.67 -5.50 -0.25
C ASN A 231 -11.28 -5.02 1.06
N PRO A 232 -10.46 -4.70 2.07
CA PRO A 232 -11.03 -4.29 3.37
C PRO A 232 -11.80 -2.98 3.33
N LEU A 233 -11.86 -2.31 2.19
CA LEU A 233 -12.65 -1.09 2.13
C LEU A 233 -14.12 -1.39 1.88
N LEU A 234 -14.45 -2.59 1.42
CA LEU A 234 -15.85 -2.96 1.22
C LEU A 234 -16.51 -3.10 2.58
N PRO A 235 -17.57 -2.33 2.89
CA PRO A 235 -18.17 -2.39 4.23
C PRO A 235 -18.53 -3.78 4.73
N GLU A 236 -18.63 -4.78 3.84
CA GLU A 236 -18.92 -6.15 4.27
C GLU A 236 -17.68 -6.84 4.81
N ASN A 237 -16.54 -6.71 4.14
CA ASN A 237 -15.29 -7.13 4.76
C ASN A 237 -15.03 -6.33 6.04
N ARG A 238 -15.35 -5.04 5.99
CA ARG A 238 -15.14 -4.20 7.15
CA ARG A 238 -15.14 -4.20 7.15
C ARG A 238 -15.98 -4.69 8.33
N ASP A 239 -17.24 -5.04 8.08
CA ASP A 239 -18.10 -5.46 9.17
C ASP A 239 -17.65 -6.78 9.80
N ALA A 240 -17.04 -7.67 9.02
CA ALA A 240 -16.54 -8.91 9.60
C ALA A 240 -15.41 -8.66 10.59
N THR A 241 -14.52 -7.72 10.29
CA THR A 241 -13.45 -7.40 11.23
C THR A 241 -14.00 -6.71 12.47
N ALA A 242 -14.88 -5.72 12.28
CA ALA A 242 -15.48 -5.00 13.40
C ALA A 242 -16.28 -5.92 14.31
N LYS A 243 -17.08 -6.82 13.74
CA LYS A 243 -17.88 -7.73 14.56
C LYS A 243 -16.98 -8.63 15.40
N ALA A 244 -15.90 -9.13 14.79
CA ALA A 244 -14.97 -9.99 15.52
C ALA A 244 -14.34 -9.26 16.70
N VAL A 245 -13.99 -7.97 16.50
CA VAL A 245 -13.37 -7.19 17.57
C VAL A 245 -14.35 -7.02 18.73
N LYS A 246 -15.55 -6.52 18.43
CA LYS A 246 -16.54 -6.27 19.48
C LYS A 246 -16.96 -7.55 20.18
N ASP A 247 -17.23 -8.60 19.42
CA ASP A 247 -17.73 -9.84 20.00
C ASP A 247 -16.68 -10.52 20.87
N ASN A 248 -15.39 -10.30 20.60
CA ASN A 248 -14.36 -10.96 21.37
C ASN A 248 -13.66 -10.05 22.37
N GLY A 249 -14.08 -8.79 22.49
CA GLY A 249 -13.36 -7.87 23.34
C GLY A 249 -11.89 -7.72 22.97
N ALA A 250 -11.59 -7.67 21.67
CA ALA A 250 -10.20 -7.56 21.23
C ALA A 250 -9.66 -6.15 21.45
N ASP A 251 -8.35 -6.06 21.60
CA ASP A 251 -7.74 -4.74 21.76
C ASP A 251 -7.84 -3.93 20.46
N PHE A 252 -7.56 -4.55 19.32
CA PHE A 252 -7.89 -3.92 18.05
C PHE A 252 -7.94 -4.99 16.97
N GLY A 253 -8.31 -4.58 15.76
CA GLY A 253 -8.41 -5.50 14.65
C GLY A 253 -7.61 -4.99 13.47
N ILE A 254 -7.15 -5.94 12.66
CA ILE A 254 -6.30 -5.70 11.50
C ILE A 254 -6.88 -6.46 10.32
N ALA A 255 -7.03 -5.78 9.19
CA ALA A 255 -7.45 -6.42 7.96
C ALA A 255 -6.44 -6.05 6.85
N TRP A 256 -6.25 -6.96 5.90
CA TRP A 256 -5.33 -6.73 4.80
C TRP A 256 -6.03 -6.93 3.47
N ASP A 257 -5.48 -6.32 2.43
CA ASP A 257 -5.87 -6.72 1.09
C ASP A 257 -5.17 -8.03 0.71
N GLY A 258 -5.49 -8.51 -0.49
CA GLY A 258 -5.13 -9.88 -0.85
C GLY A 258 -3.63 -10.13 -0.80
N ASP A 259 -2.82 -9.18 -1.29
CA ASP A 259 -1.37 -9.34 -1.30
C ASP A 259 -0.71 -8.65 -0.10
N PHE A 260 -1.53 -8.24 0.87
CA PHE A 260 -1.24 -7.58 2.14
C PHE A 260 -0.11 -6.55 2.12
N ASP A 261 0.03 -5.78 1.05
CA ASP A 261 0.82 -4.57 1.19
C ASP A 261 0.04 -3.42 1.79
N ARG A 262 -1.27 -3.57 2.04
CA ARG A 262 -2.07 -2.60 2.75
C ARG A 262 -2.67 -3.23 3.98
N CYS A 263 -2.70 -2.46 5.06
CA CYS A 263 -3.29 -2.93 6.31
CA CYS A 263 -3.19 -2.88 6.37
C CYS A 263 -4.20 -1.85 6.87
N PHE A 264 -5.29 -2.31 7.48
CA PHE A 264 -6.38 -1.44 7.93
C PHE A 264 -6.72 -1.81 9.37
N PHE A 265 -6.97 -0.79 10.19
CA PHE A 265 -7.07 -0.93 11.64
C PHE A 265 -8.47 -0.63 12.12
N PHE A 266 -8.90 -1.38 13.15
CA PHE A 266 -10.19 -1.23 13.80
C PHE A 266 -9.93 -1.12 15.29
N ASP A 267 -10.46 -0.09 15.93
CA ASP A 267 -10.16 0.03 17.35
C ASP A 267 -11.06 -0.90 18.15
N HIS A 268 -10.91 -0.83 19.48
CA HIS A 268 -11.59 -1.80 20.34
C HIS A 268 -13.12 -1.65 20.31
N THR A 269 -13.64 -0.53 19.79
CA THR A 269 -15.09 -0.37 19.64
C THR A 269 -15.60 -0.89 18.31
N GLY A 270 -14.73 -1.44 17.47
CA GLY A 270 -15.08 -1.85 16.12
C GLY A 270 -14.94 -0.75 15.09
N ARG A 271 -14.49 0.43 15.50
CA ARG A 271 -14.45 1.57 14.59
C ARG A 271 -13.27 1.48 13.63
N PHE A 272 -13.58 1.61 12.33
CA PHE A 272 -12.53 1.66 11.32
CA PHE A 272 -12.55 1.68 11.29
C PHE A 272 -11.77 2.98 11.44
N ILE A 273 -10.46 2.90 11.50
CA ILE A 273 -9.63 4.09 11.69
CA ILE A 273 -9.64 4.09 11.68
C ILE A 273 -9.20 4.60 10.32
N GLU A 274 -9.52 5.87 10.05
CA GLU A 274 -9.09 6.49 8.79
CA GLU A 274 -9.09 6.49 8.80
C GLU A 274 -7.57 6.48 8.68
N GLY A 275 -7.07 5.99 7.55
CA GLY A 275 -5.64 5.79 7.39
C GLY A 275 -4.80 7.04 7.60
N TYR A 276 -5.36 8.21 7.32
CA TYR A 276 -4.65 9.46 7.59
C TYR A 276 -3.99 9.46 8.96
N TYR A 277 -4.74 9.09 10.01
CA TYR A 277 -4.24 9.23 11.38
C TYR A 277 -3.16 8.21 11.71
N LEU A 278 -3.09 7.11 10.97
CA LEU A 278 -2.01 6.15 11.19
C LEU A 278 -0.66 6.70 10.77
N VAL A 279 -0.64 7.66 9.82
CA VAL A 279 0.65 8.20 9.36
C VAL A 279 1.33 8.93 10.51
N GLY A 280 0.59 9.82 11.18
CA GLY A 280 1.18 10.50 12.33
C GLY A 280 1.54 9.54 13.45
N LEU A 281 0.70 8.54 13.69
CA LEU A 281 0.94 7.59 14.77
C LEU A 281 2.20 6.78 14.52
N LEU A 282 2.36 6.26 13.31
CA LEU A 282 3.52 5.43 13.00
C LEU A 282 4.78 6.28 12.97
N ALA A 283 4.68 7.50 12.44
CA ALA A 283 5.82 8.42 12.46
C ALA A 283 6.33 8.63 13.88
N GLN A 284 5.43 8.82 14.83
CA GLN A 284 5.89 9.01 16.20
C GLN A 284 6.51 7.73 16.75
N ALA A 285 5.92 6.58 16.41
CA ALA A 285 6.48 5.30 16.82
C ALA A 285 7.90 5.12 16.28
N ILE A 286 8.10 5.44 14.99
CA ILE A 286 9.41 5.26 14.36
C ILE A 286 10.41 6.26 14.92
N LEU A 287 9.99 7.52 15.06
CA LEU A 287 10.90 8.56 15.54
C LEU A 287 11.35 8.31 16.97
N ALA A 288 10.62 7.49 17.73
CA ALA A 288 11.10 7.09 19.04
C ALA A 288 12.32 6.19 18.91
N LYS A 289 12.41 5.40 17.84
CA LYS A 289 13.58 4.54 17.64
C LYS A 289 14.69 5.23 16.86
N GLN A 290 14.34 6.13 15.95
CA GLN A 290 15.30 6.83 15.09
C GLN A 290 15.08 8.33 15.25
N PRO A 291 15.61 8.94 16.32
CA PRO A 291 15.39 10.36 16.57
C PRO A 291 15.85 11.24 15.41
N GLY A 292 15.11 12.33 15.20
CA GLY A 292 15.46 13.38 14.25
C GLY A 292 15.30 13.02 12.79
N GLY A 293 14.67 11.90 12.48
CA GLY A 293 14.58 11.47 11.11
C GLY A 293 13.59 12.27 10.30
N LYS A 294 13.72 12.14 8.97
CA LYS A 294 12.74 12.73 8.08
C LYS A 294 11.61 11.72 7.82
N VAL A 295 10.42 12.27 7.64
CA VAL A 295 9.21 11.48 7.42
C VAL A 295 8.54 12.06 6.18
N VAL A 296 8.33 11.22 5.17
CA VAL A 296 7.68 11.61 3.93
C VAL A 296 6.18 11.37 4.05
N HIS A 297 5.39 12.33 3.57
CA HIS A 297 3.93 12.23 3.63
C HIS A 297 3.37 12.80 2.34
N ASP A 298 2.12 12.48 2.03
CA ASP A 298 1.54 12.92 0.76
C ASP A 298 0.75 14.21 0.99
N PRO A 299 0.27 14.86 -0.07
CA PRO A 299 -0.36 16.18 0.10
C PRO A 299 -1.86 16.17 0.35
N ARG A 300 -2.51 15.02 0.41
CA ARG A 300 -3.97 15.02 0.47
C ARG A 300 -4.46 15.47 1.84
N LEU A 301 -3.85 14.95 2.89
CA LEU A 301 -4.17 15.32 4.25
C LEU A 301 -2.83 15.45 4.96
N THR A 302 -2.61 16.58 5.63
CA THR A 302 -1.25 16.97 5.98
C THR A 302 -1.08 17.48 7.41
N TRP A 303 -2.02 18.32 7.87
CA TRP A 303 -1.78 19.11 9.09
C TRP A 303 -1.46 18.24 10.28
N ASN A 304 -2.17 17.10 10.42
CA ASN A 304 -1.94 16.26 11.59
C ASN A 304 -0.57 15.60 11.51
N THR A 305 -0.19 15.14 10.31
CA THR A 305 1.11 14.50 10.15
C THR A 305 2.23 15.49 10.44
N VAL A 306 2.13 16.70 9.89
CA VAL A 306 3.17 17.71 10.11
C VAL A 306 3.34 17.97 11.60
N GLU A 307 2.23 18.17 12.30
CA GLU A 307 2.32 18.48 13.73
C GLU A 307 2.89 17.31 14.52
N GLN A 308 2.42 16.08 14.25
CA GLN A 308 2.86 14.95 15.04
C GLN A 308 4.31 14.59 14.75
N VAL A 309 4.75 14.77 13.51
CA VAL A 309 6.15 14.53 13.18
C VAL A 309 7.03 15.54 13.90
N GLU A 310 6.67 16.81 13.83
CA GLU A 310 7.47 17.86 14.46
C GLU A 310 7.48 17.72 15.97
N GLU A 311 6.33 17.36 16.58
CA GLU A 311 6.28 17.18 18.03
CA GLU A 311 6.30 17.19 18.03
C GLU A 311 7.22 16.07 18.48
N ALA A 312 7.42 15.05 17.65
CA ALA A 312 8.29 13.93 17.97
C ALA A 312 9.73 14.17 17.53
N GLY A 313 10.06 15.39 17.13
CA GLY A 313 11.41 15.73 16.74
C GLY A 313 11.79 15.35 15.34
N GLY A 314 10.84 14.89 14.53
CA GLY A 314 11.13 14.57 13.15
C GLY A 314 10.95 15.75 12.23
N ILE A 315 11.33 15.54 10.98
CA ILE A 315 11.22 16.58 9.95
C ILE A 315 10.29 16.10 8.84
N PRO A 316 9.13 16.74 8.66
CA PRO A 316 8.19 16.26 7.63
C PRO A 316 8.60 16.70 6.24
N VAL A 317 8.37 15.83 5.25
CA VAL A 317 8.77 16.09 3.87
C VAL A 317 7.57 15.81 2.96
N LEU A 318 7.05 16.87 2.34
CA LEU A 318 5.90 16.74 1.45
C LEU A 318 6.29 16.08 0.13
N CYS A 319 5.45 15.16 -0.35
CA CYS A 319 5.72 14.41 -1.56
C CYS A 319 4.40 14.09 -2.27
N LYS A 320 4.42 14.17 -3.59
CA LYS A 320 3.27 13.74 -4.39
C LYS A 320 2.86 12.32 -4.01
N SER A 321 1.56 12.05 -4.04
CA SER A 321 1.13 10.71 -3.68
C SER A 321 1.48 9.71 -4.79
N GLY A 322 1.56 8.44 -4.42
CA GLY A 322 1.91 7.37 -5.36
C GLY A 322 3.22 6.74 -4.91
N HIS A 323 3.25 5.41 -4.89
CA HIS A 323 4.33 4.73 -4.17
C HIS A 323 5.70 4.98 -4.80
N ALA A 324 5.77 5.16 -6.14
CA ALA A 324 7.07 5.42 -6.76
C ALA A 324 7.62 6.77 -6.35
N PHE A 325 6.74 7.78 -6.25
CA PHE A 325 7.18 9.09 -5.81
C PHE A 325 7.57 9.09 -4.34
N ILE A 326 6.78 8.43 -3.50
CA ILE A 326 7.12 8.35 -2.07
C ILE A 326 8.47 7.69 -1.89
N LYS A 327 8.64 6.49 -2.47
CA LYS A 327 9.90 5.76 -2.32
C LYS A 327 11.08 6.59 -2.83
N GLU A 328 10.91 7.31 -3.94
CA GLU A 328 12.06 8.04 -4.47
C GLU A 328 12.38 9.24 -3.59
N LYS A 329 11.35 9.92 -3.07
CA LYS A 329 11.61 11.02 -2.14
C LYS A 329 12.25 10.50 -0.85
N MET A 330 11.79 9.36 -0.35
CA MET A 330 12.38 8.77 0.85
C MET A 330 13.86 8.52 0.64
N ARG A 331 14.22 7.94 -0.52
CA ARG A 331 15.62 7.66 -0.80
C ARG A 331 16.44 8.94 -0.82
N SER A 332 15.93 9.97 -1.50
CA SER A 332 16.73 11.18 -1.68
C SER A 332 16.90 11.93 -0.37
N GLU A 333 16.00 11.69 0.59
CA GLU A 333 16.01 12.37 1.88
C GLU A 333 16.58 11.50 3.00
N ASN A 334 16.92 10.25 2.72
CA ASN A 334 17.26 9.28 3.77
C ASN A 334 16.14 9.21 4.83
N ALA A 335 14.89 9.32 4.38
CA ALA A 335 13.77 9.34 5.31
C ALA A 335 13.59 7.99 5.99
N VAL A 336 13.34 8.02 7.31
CA VAL A 336 13.17 6.79 8.09
CA VAL A 336 13.19 6.77 8.05
C VAL A 336 11.84 6.12 7.77
N TYR A 337 10.81 6.91 7.46
CA TYR A 337 9.46 6.39 7.31
C TYR A 337 8.70 7.28 6.34
N GLY A 338 7.82 6.68 5.56
CA GLY A 338 6.90 7.44 4.73
C GLY A 338 5.54 6.80 4.83
N GLY A 339 4.50 7.63 4.77
CA GLY A 339 3.16 7.11 4.89
C GLY A 339 2.14 7.86 4.05
N GLU A 340 1.23 7.11 3.43
CA GLU A 340 0.14 7.70 2.66
C GLU A 340 -1.18 7.46 3.38
N MET A 341 -2.13 8.38 3.21
N MET A 341 -2.13 8.39 3.21
CA MET A 341 -3.42 8.20 3.87
CA MET A 341 -3.42 8.21 3.88
C MET A 341 -4.16 6.99 3.35
C MET A 341 -4.19 7.02 3.32
N SER A 342 -3.74 6.46 2.19
CA SER A 342 -4.38 5.33 1.53
C SER A 342 -3.83 3.99 2.01
N ALA A 343 -3.31 3.93 3.22
CA ALA A 343 -2.92 2.69 3.87
C ALA A 343 -1.68 2.08 3.22
N HIS A 344 -0.73 2.92 2.82
CA HIS A 344 0.59 2.48 2.38
C HIS A 344 1.60 3.04 3.35
N HIS A 345 2.45 2.18 3.92
CA HIS A 345 3.44 2.58 4.90
C HIS A 345 4.79 2.02 4.52
N TYR A 346 5.77 2.89 4.38
CA TYR A 346 7.07 2.57 3.82
C TYR A 346 8.17 2.76 4.85
N PHE A 347 9.19 1.91 4.80
CA PHE A 347 10.20 1.89 5.86
C PHE A 347 11.59 1.79 5.25
N ARG A 348 12.45 2.72 5.64
CA ARG A 348 13.79 2.78 5.05
C ARG A 348 14.54 1.47 5.19
N GLU A 349 14.49 0.86 6.38
CA GLU A 349 15.23 -0.37 6.64
C GLU A 349 14.65 -1.55 5.87
N PHE A 350 13.43 -1.40 5.36
CA PHE A 350 12.76 -2.39 4.53
C PHE A 350 12.95 -2.11 3.05
N ALA A 351 14.17 -1.77 2.63
CA ALA A 351 14.45 -1.42 1.23
C ALA A 351 13.56 -0.27 0.75
N TYR A 352 13.25 0.66 1.65
CA TYR A 352 12.34 1.77 1.36
C TYR A 352 10.99 1.30 0.83
N ALA A 353 10.59 0.09 1.17
CA ALA A 353 9.41 -0.51 0.58
C ALA A 353 8.25 -0.51 1.56
N ASP A 354 7.05 -0.71 1.02
CA ASP A 354 5.86 -0.76 1.84
C ASP A 354 5.63 -2.16 2.40
N SER A 355 5.07 -2.21 3.62
CA SER A 355 4.76 -3.45 4.31
C SER A 355 3.38 -3.33 4.94
N GLY A 356 2.59 -4.40 4.81
CA GLY A 356 1.35 -4.50 5.56
C GLY A 356 1.52 -5.18 6.90
N MET A 357 2.74 -5.58 7.23
CA MET A 357 3.03 -6.30 8.46
C MET A 357 3.69 -5.41 9.50
N ILE A 358 4.72 -4.67 9.11
CA ILE A 358 5.42 -3.80 10.05
C ILE A 358 4.43 -2.86 10.76
N PRO A 359 3.47 -2.23 10.07
CA PRO A 359 2.61 -1.25 10.77
C PRO A 359 1.87 -1.81 11.98
N TRP A 360 1.26 -3.00 11.89
CA TRP A 360 0.51 -3.48 13.05
C TRP A 360 1.43 -3.98 14.15
N LEU A 361 2.63 -4.47 13.80
CA LEU A 361 3.59 -4.77 14.85
C LEU A 361 3.97 -3.50 15.62
N LEU A 362 4.17 -2.39 14.91
CA LEU A 362 4.49 -1.13 15.56
C LEU A 362 3.33 -0.62 16.41
N ILE A 363 2.09 -0.75 15.91
CA ILE A 363 0.93 -0.29 16.67
C ILE A 363 0.73 -1.15 17.91
N ALA A 364 0.86 -2.47 17.78
CA ALA A 364 0.76 -3.34 18.96
C ALA A 364 1.81 -3.01 20.00
N GLU A 365 3.04 -2.67 19.57
CA GLU A 365 4.06 -2.25 20.53
C GLU A 365 3.68 -0.95 21.21
N LEU A 366 3.15 0.01 20.44
CA LEU A 366 2.71 1.29 21.01
C LEU A 366 1.61 1.09 22.05
N VAL A 367 0.59 0.30 21.70
CA VAL A 367 -0.48 -0.01 22.67
C VAL A 367 0.10 -0.70 23.90
N SER A 368 1.03 -1.66 23.70
CA SER A 368 1.61 -2.37 24.84
C SER A 368 2.42 -1.45 25.74
N GLN A 369 3.19 -0.55 25.14
CA GLN A 369 4.12 0.26 25.92
C GLN A 369 3.41 1.42 26.60
N SER A 370 2.39 2.00 25.95
CA SER A 370 1.75 3.19 26.49
C SER A 370 0.62 2.89 27.47
N GLY A 371 0.08 1.67 27.44
CA GLY A 371 -1.14 1.39 28.17
C GLY A 371 -2.34 2.14 27.67
N ARG A 372 -2.27 2.73 26.48
CA ARG A 372 -3.42 3.40 25.89
C ARG A 372 -4.02 2.53 24.80
N SER A 373 -5.34 2.62 24.64
CA SER A 373 -6.00 1.92 23.56
C SER A 373 -5.71 2.61 22.23
N LEU A 374 -5.76 1.83 21.16
CA LEU A 374 -5.65 2.43 19.83
C LEU A 374 -6.67 3.55 19.65
N ALA A 375 -7.88 3.37 20.19
CA ALA A 375 -8.90 4.41 20.10
C ALA A 375 -8.42 5.72 20.73
N ASP A 376 -7.87 5.66 21.94
CA ASP A 376 -7.46 6.91 22.57
CA ASP A 376 -7.40 6.86 22.64
C ASP A 376 -6.15 7.45 21.98
N LEU A 377 -5.31 6.60 21.38
CA LEU A 377 -4.11 7.11 20.72
C LEU A 377 -4.45 8.06 19.58
N VAL A 378 -5.56 7.82 18.89
CA VAL A 378 -5.93 8.63 17.74
C VAL A 378 -7.09 9.57 18.04
N GLU A 379 -7.82 9.37 19.13
CA GLU A 379 -9.05 10.12 19.35
C GLU A 379 -8.81 11.62 19.32
N ALA A 380 -7.82 12.11 20.08
CA ALA A 380 -7.61 13.54 20.12
C ALA A 380 -7.12 14.07 18.78
N ARG A 381 -6.37 13.25 18.02
CA ARG A 381 -5.94 13.69 16.70
C ARG A 381 -7.13 13.83 15.76
N MET A 382 -8.09 12.89 15.86
CA MET A 382 -9.26 12.98 15.01
C MET A 382 -10.10 14.20 15.34
N GLN A 383 -10.14 14.58 16.62
CA GLN A 383 -10.88 15.77 17.01
C GLN A 383 -10.14 17.03 16.55
N LYS A 384 -8.81 17.02 16.61
CA LYS A 384 -8.05 18.20 16.27
C LYS A 384 -8.03 18.46 14.77
N PHE A 385 -7.98 17.41 13.95
CA PHE A 385 -7.93 17.55 12.49
C PHE A 385 -8.92 16.60 11.85
N PRO A 386 -10.22 16.89 11.97
CA PRO A 386 -11.21 16.02 11.33
C PRO A 386 -11.07 16.13 9.84
N CYS A 387 -11.33 15.02 9.16
CA CYS A 387 -11.19 15.00 7.72
C CYS A 387 -12.37 14.28 7.08
N SER A 388 -12.58 14.57 5.79
CA SER A 388 -13.73 14.03 5.07
C SER A 388 -13.58 12.55 4.75
N GLY A 389 -12.37 12.02 4.77
CA GLY A 389 -12.11 10.81 4.04
C GLY A 389 -12.07 11.10 2.55
N GLU A 390 -11.41 10.22 1.82
CA GLU A 390 -11.31 10.43 0.38
C GLU A 390 -12.66 10.21 -0.27
N ILE A 391 -13.08 11.17 -1.09
CA ILE A 391 -14.35 11.10 -1.77
C ILE A 391 -14.05 11.16 -3.27
N ASN A 392 -14.53 10.15 -4.00
CA ASN A 392 -14.23 10.04 -5.42
C ASN A 392 -15.41 10.52 -6.26
N PHE A 393 -15.08 11.13 -7.40
CA PHE A 393 -16.07 11.69 -8.31
C PHE A 393 -15.75 11.23 -9.72
N LYS A 394 -16.75 10.67 -10.39
CA LYS A 394 -16.70 10.43 -11.83
C LYS A 394 -17.61 11.47 -12.48
N VAL A 395 -17.02 12.44 -13.17
CA VAL A 395 -17.78 13.55 -13.73
C VAL A 395 -17.53 13.59 -15.22
N ALA A 396 -18.42 14.31 -15.92
CA ALA A 396 -18.34 14.40 -17.37
C ALA A 396 -17.09 15.14 -17.82
N ASP A 397 -16.60 16.11 -17.03
CA ASP A 397 -15.49 16.96 -17.45
C ASP A 397 -14.73 17.36 -16.18
N ALA A 398 -13.70 16.57 -15.85
CA ALA A 398 -12.95 16.82 -14.63
C ALA A 398 -12.30 18.20 -14.64
N LYS A 399 -11.75 18.61 -15.79
CA LYS A 399 -11.03 19.88 -15.81
C LYS A 399 -11.98 21.04 -15.58
N ALA A 400 -13.15 21.02 -16.21
CA ALA A 400 -14.16 22.04 -15.97
C ALA A 400 -14.69 21.99 -14.54
N SER A 401 -14.81 20.79 -13.95
CA SER A 401 -15.31 20.68 -12.58
C SER A 401 -14.32 21.29 -11.60
N VAL A 402 -13.04 20.95 -11.74
CA VAL A 402 -12.00 21.58 -10.92
C VAL A 402 -12.04 23.09 -11.08
N ALA A 403 -12.17 23.58 -12.32
CA ALA A 403 -12.23 25.02 -12.54
C ALA A 403 -13.42 25.67 -11.84
N ARG A 404 -14.58 25.00 -11.83
CA ARG A 404 -15.73 25.53 -11.10
C ARG A 404 -15.44 25.67 -9.62
N VAL A 405 -14.75 24.70 -9.03
CA VAL A 405 -14.39 24.78 -7.61
C VAL A 405 -13.46 25.97 -7.39
N MET A 406 -12.41 26.08 -8.20
CA MET A 406 -11.41 27.10 -7.94
C MET A 406 -11.99 28.50 -8.17
N GLU A 407 -12.87 28.63 -9.16
CA GLU A 407 -13.47 29.94 -9.38
C GLU A 407 -14.37 30.34 -8.22
N HIS A 408 -15.06 29.37 -7.61
CA HIS A 408 -15.95 29.67 -6.51
C HIS A 408 -15.18 30.19 -5.29
N TYR A 409 -14.03 29.60 -5.00
CA TYR A 409 -13.27 29.98 -3.80
C TYR A 409 -12.24 31.07 -4.06
N ALA A 410 -12.18 31.62 -5.27
CA ALA A 410 -11.12 32.56 -5.60
C ALA A 410 -11.14 33.79 -4.70
N SER A 411 -12.32 34.28 -4.35
CA SER A 411 -12.43 35.53 -3.58
C SER A 411 -11.91 35.40 -2.15
N LEU A 412 -11.70 34.18 -1.64
CA LEU A 412 -11.13 33.98 -0.32
C LEU A 412 -9.60 33.92 -0.34
N SER A 413 -8.99 33.93 -1.52
CA SER A 413 -7.55 33.96 -1.67
C SER A 413 -6.82 32.87 -0.88
N PRO A 414 -7.14 31.60 -1.13
CA PRO A 414 -6.42 30.53 -0.43
C PRO A 414 -4.95 30.49 -0.86
N GLU A 415 -4.12 29.89 -0.02
CA GLU A 415 -2.77 29.53 -0.43
C GLU A 415 -2.83 28.27 -1.28
N LEU A 416 -2.29 28.34 -2.50
CA LEU A 416 -2.41 27.27 -3.47
C LEU A 416 -1.08 26.54 -3.65
N ASP A 417 -1.14 25.21 -3.74
CA ASP A 417 0.04 24.40 -3.97
C ASP A 417 -0.27 23.32 -5.00
N TYR A 418 0.65 23.13 -5.95
CA TYR A 418 0.41 22.24 -7.08
C TYR A 418 1.30 21.00 -7.06
N THR A 419 1.68 20.53 -5.87
CA THR A 419 2.50 19.33 -5.77
C THR A 419 1.78 18.12 -6.34
N ASP A 420 0.45 18.06 -6.20
CA ASP A 420 -0.30 16.86 -6.56
C ASP A 420 -1.75 17.29 -6.77
N GLY A 421 -2.06 17.72 -7.99
CA GLY A 421 -3.38 18.30 -8.23
C GLY A 421 -3.39 19.73 -7.71
N ILE A 422 -4.43 20.08 -6.95
CA ILE A 422 -4.51 21.40 -6.33
C ILE A 422 -4.74 21.25 -4.84
N SER A 423 -3.90 21.93 -4.06
CA SER A 423 -4.09 22.03 -2.62
C SER A 423 -4.41 23.48 -2.32
N ALA A 424 -5.46 23.71 -1.54
CA ALA A 424 -5.92 25.05 -1.24
C ALA A 424 -6.08 25.16 0.27
N ASP A 425 -5.31 26.06 0.88
CA ASP A 425 -5.30 26.25 2.32
C ASP A 425 -5.96 27.58 2.63
N PHE A 426 -7.10 27.52 3.32
CA PHE A 426 -7.88 28.70 3.65
C PHE A 426 -7.62 29.21 5.06
N GLY A 427 -6.73 28.56 5.82
CA GLY A 427 -6.46 28.96 7.18
C GLY A 427 -7.00 27.94 8.17
N GLN A 428 -8.32 27.92 8.36
CA GLN A 428 -8.93 26.97 9.28
C GLN A 428 -9.41 25.70 8.57
N TRP A 429 -9.30 25.64 7.25
CA TRP A 429 -9.62 24.43 6.52
C TRP A 429 -8.80 24.42 5.24
N ARG A 430 -8.71 23.24 4.64
CA ARG A 430 -7.94 23.10 3.40
C ARG A 430 -8.49 21.90 2.65
N PHE A 431 -8.19 21.83 1.35
CA PHE A 431 -8.58 20.67 0.58
C PHE A 431 -7.51 20.34 -0.45
N ASN A 432 -7.53 19.08 -0.89
CA ASN A 432 -6.74 18.63 -2.02
C ASN A 432 -7.67 17.97 -3.01
N LEU A 433 -7.46 18.27 -4.29
CA LEU A 433 -8.32 17.79 -5.36
C LEU A 433 -7.38 17.36 -6.48
N ARG A 434 -7.32 16.07 -6.78
CA ARG A 434 -6.40 15.61 -7.80
C ARG A 434 -7.06 14.54 -8.66
N SER A 435 -6.46 14.30 -9.83
CA SER A 435 -6.81 13.17 -10.66
C SER A 435 -6.08 11.93 -10.21
N SER A 436 -6.80 10.82 -10.17
CA SER A 436 -6.23 9.54 -9.85
C SER A 436 -5.28 9.08 -10.95
N ASN A 437 -4.23 8.36 -10.54
CA ASN A 437 -3.24 7.80 -11.45
C ASN A 437 -3.47 6.32 -11.71
N THR A 438 -4.56 5.76 -11.19
CA THR A 438 -4.90 4.36 -11.43
C THR A 438 -6.35 4.15 -11.90
N GLU A 439 -7.19 5.18 -11.82
CA GLU A 439 -8.57 5.13 -12.28
C GLU A 439 -8.93 6.50 -12.85
N PRO A 440 -9.93 6.58 -13.75
CA PRO A 440 -10.32 7.90 -14.30
C PRO A 440 -11.33 8.63 -13.42
N LEU A 441 -10.84 9.19 -12.30
CA LEU A 441 -11.70 9.80 -11.29
C LEU A 441 -11.03 11.01 -10.67
N LEU A 442 -11.84 11.95 -10.19
CA LEU A 442 -11.35 12.99 -9.30
C LEU A 442 -11.44 12.50 -7.85
N ARG A 443 -10.43 12.85 -7.06
CA ARG A 443 -10.36 12.46 -5.66
C ARG A 443 -10.28 13.72 -4.78
N LEU A 444 -11.19 13.82 -3.80
CA LEU A 444 -11.27 14.99 -2.92
C LEU A 444 -10.93 14.61 -1.49
N ASN A 445 -10.12 15.44 -0.82
CA ASN A 445 -9.86 15.32 0.59
C ASN A 445 -9.96 16.69 1.24
N VAL A 446 -10.70 16.78 2.33
CA VAL A 446 -10.91 18.02 3.06
C VAL A 446 -10.54 17.79 4.53
N GLU A 447 -9.93 18.79 5.16
CA GLU A 447 -9.70 18.71 6.60
C GLU A 447 -9.83 20.10 7.20
N THR A 448 -10.06 20.16 8.51
CA THR A 448 -10.22 21.45 9.18
C THR A 448 -9.47 21.46 10.49
N ARG A 449 -9.40 22.66 11.08
CA ARG A 449 -8.74 22.82 12.38
C ARG A 449 -9.80 22.71 13.49
N GLY A 450 -10.07 21.47 13.88
CA GLY A 450 -10.94 21.20 15.01
C GLY A 450 -12.40 21.61 14.83
N ASP A 451 -12.89 21.67 13.60
CA ASP A 451 -14.22 22.21 13.31
C ASP A 451 -14.97 21.24 12.40
N ALA A 452 -15.80 20.38 13.02
CA ALA A 452 -16.54 19.38 12.26
C ALA A 452 -17.64 20.01 11.41
N ALA A 453 -18.23 21.11 11.89
CA ALA A 453 -19.29 21.77 11.14
C ALA A 453 -18.72 22.36 9.84
N LEU A 454 -17.62 23.10 9.95
CA LEU A 454 -16.94 23.63 8.78
C LEU A 454 -16.54 22.51 7.82
N LEU A 455 -16.09 21.38 8.36
CA LEU A 455 -15.70 20.25 7.50
C LEU A 455 -16.88 19.79 6.64
N GLU A 456 -18.05 19.64 7.24
CA GLU A 456 -19.18 19.12 6.48
C GLU A 456 -19.70 20.13 5.47
N THR A 457 -19.83 21.40 5.87
CA THR A 457 -20.39 22.37 4.93
C THR A 457 -19.44 22.61 3.76
N ARG A 458 -18.12 22.67 4.00
CA ARG A 458 -17.18 22.83 2.89
C ARG A 458 -17.12 21.57 2.02
N THR A 459 -17.15 20.38 2.63
CA THR A 459 -17.17 19.15 1.83
C THR A 459 -18.41 19.09 0.94
N GLN A 460 -19.57 19.40 1.50
CA GLN A 460 -20.78 19.36 0.68
C GLN A 460 -20.75 20.44 -0.39
N GLU A 461 -20.19 21.60 -0.06
CA GLU A 461 -20.14 22.70 -1.02
C GLU A 461 -19.29 22.33 -2.22
N ILE A 462 -18.12 21.76 -1.95
CA ILE A 462 -17.24 21.31 -3.04
C ILE A 462 -17.89 20.19 -3.83
N SER A 463 -18.51 19.22 -3.13
CA SER A 463 -19.17 18.13 -3.83
C SER A 463 -20.24 18.66 -4.79
N ASN A 464 -21.02 19.66 -4.36
CA ASN A 464 -22.03 20.23 -5.24
C ASN A 464 -21.41 20.87 -6.47
N LEU A 465 -20.31 21.63 -6.29
CA LEU A 465 -19.65 22.27 -7.43
C LEU A 465 -19.09 21.25 -8.40
N LEU A 466 -18.47 20.19 -7.87
CA LEU A 466 -17.91 19.15 -8.74
C LEU A 466 -19.00 18.48 -9.58
N ARG A 467 -20.14 18.18 -8.98
CA ARG A 467 -21.22 17.47 -9.66
C ARG A 467 -22.01 18.36 -10.60
N GLY A 468 -21.85 19.68 -10.51
CA GLY A 468 -22.56 20.59 -11.38
C GLY A 468 -22.24 20.39 -12.86
C3 JVS B . -1.87 6.08 -3.78
C4 JVS B . -1.05 4.85 -3.88
C5 JVS B . -1.26 4.17 -5.24
C6 JVS B . -0.43 2.94 -5.31
C1 JVS B . -3.59 5.00 -5.22
C15 JVS B . -4.99 4.52 -5.22
C2 JVS B . -3.30 5.67 -3.87
F16 JVS B . -5.12 3.80 -4.06
O6 JVS B . -1.18 1.87 -4.81
O5 JVS B . -2.71 3.82 -5.41
O1 JVS B . -3.28 5.89 -6.26
O1P JVS B . -5.07 7.77 -5.97
O2 JVS B . -4.16 6.80 -3.66
O2P JVS B . -3.49 7.88 -7.88
O3 JVS B . -1.64 6.78 -2.53
O3P JVS B . -5.29 6.20 -7.86
O4 JVS B . 0.37 5.13 -3.67
P JVS B . -4.31 6.94 -7.00
MG MG C . -2.29 -4.65 -2.39
C1 PGE D . 11.56 -19.44 13.50
O1 PGE D . 12.39 -19.43 14.66
C2 PGE D . 12.07 -18.38 12.54
O2 PGE D . 11.77 -17.09 13.03
C3 PGE D . 12.84 -16.54 13.78
C4 PGE D . 12.31 -15.26 14.42
O4 PGE D . 16.22 -14.40 16.00
C6 PGE D . 15.03 -14.51 16.79
C5 PGE D . 14.01 -15.38 16.07
O3 PGE D . 13.39 -14.61 15.05
#